data_2FKG
#
_entry.id   2FKG
#
_cell.length_a   99.447
_cell.length_b   76.894
_cell.length_c   51.941
_cell.angle_alpha   90.00
_cell.angle_beta   120.00
_cell.angle_gamma   90.00
#
_symmetry.space_group_name_H-M   'C 1 2 1'
#
loop_
_entity.id
_entity.type
_entity.pdbx_description
1 polymer 'Outer Surface Protein A'
2 water water
#
_entity_poly.entity_id   1
_entity_poly.type   'polypeptide(L)'
_entity_poly.pdbx_seq_one_letter_code
;GSHMKNSVSVDLPGEMKVLVSKEKNKDGKYDLIATVDKLELKGTSDKNNGSGVLEGVKADKSKVKLTISDDLGQTTLEVF
KEDGKTLVSKKVTSKDKSSTEEKFNEKGELSEKKITRADKSSTEEKFNEKGELSEKKITRADKSSTEEKFNEKGELSEKK
ITRADKSSTEEKFNEKGEVSEKIITRADGTRLEYTGIKSDGSGKAKEVLKGYVLEGTLTAEKTTLVVKEGTVTLSKNISK
SGEVSVELNDTDSSAATKKTAAWNSGTSTLTITVNSKKTKDLVFTKENTITVQQYDSNGTKLEGSAVEITKLDEIKNALK
;
_entity_poly.pdbx_strand_id   A
#
# COMPACT_ATOMS: atom_id res chain seq x y z
N ASN A 6 -0.54 18.93 -45.27
CA ASN A 6 -0.51 20.22 -44.50
C ASN A 6 0.48 20.27 -43.29
N SER A 7 0.64 19.12 -42.61
CA SER A 7 1.46 19.01 -41.42
C SER A 7 2.27 17.72 -41.42
N VAL A 8 3.19 17.63 -40.47
CA VAL A 8 4.02 16.46 -40.25
C VAL A 8 4.03 16.17 -38.73
N SER A 9 3.85 14.91 -38.35
CA SER A 9 3.75 14.53 -36.95
C SER A 9 5.11 14.15 -36.35
N VAL A 10 5.32 14.54 -35.09
CA VAL A 10 6.60 14.34 -34.42
C VAL A 10 6.43 13.82 -32.99
N ASP A 11 7.06 12.68 -32.71
CA ASP A 11 7.14 12.09 -31.37
C ASP A 11 8.09 12.83 -30.38
N LEU A 12 7.59 13.09 -29.18
CA LEU A 12 8.24 13.86 -28.12
C LEU A 12 8.42 13.04 -26.84
N PRO A 13 9.41 13.40 -26.00
CA PRO A 13 9.68 12.71 -24.74
C PRO A 13 8.49 12.21 -23.95
N GLY A 14 7.50 13.06 -23.72
CA GLY A 14 6.47 12.69 -22.74
C GLY A 14 5.31 11.83 -23.23
N GLU A 15 5.58 10.71 -23.89
CA GLU A 15 4.52 10.02 -24.59
C GLU A 15 3.64 10.98 -25.44
N MET A 16 4.06 12.25 -25.64
CA MET A 16 3.24 13.18 -26.42
C MET A 16 3.78 13.40 -27.82
N LYS A 17 2.96 14.00 -28.68
CA LYS A 17 3.38 14.31 -30.05
C LYS A 17 3.06 15.75 -30.43
N VAL A 18 3.82 16.31 -31.37
CA VAL A 18 3.51 17.61 -31.88
C VAL A 18 3.28 17.52 -33.39
N LEU A 19 2.39 18.36 -33.92
CA LEU A 19 2.25 18.46 -35.36
C LEU A 19 2.86 19.76 -35.75
N VAL A 20 3.55 19.73 -36.88
CA VAL A 20 4.30 20.86 -37.44
C VAL A 20 3.92 21.10 -38.90
N SER A 21 3.63 22.34 -39.27
CA SER A 21 3.25 22.64 -40.66
C SER A 21 4.45 22.48 -41.62
N LYS A 22 4.15 21.99 -42.83
CA LYS A 22 5.15 21.81 -43.86
C LYS A 22 5.40 23.17 -44.52
N GLU A 23 4.41 24.06 -44.46
CA GLU A 23 4.58 25.37 -45.08
C GLU A 23 4.79 26.44 -44.01
N LYS A 24 5.50 27.50 -44.38
CA LYS A 24 5.65 28.64 -43.51
C LYS A 24 4.34 29.42 -43.52
N ASN A 25 4.08 30.18 -42.46
CA ASN A 25 2.83 30.94 -42.35
C ASN A 25 2.97 32.39 -42.83
N LYS A 26 1.90 33.18 -42.62
CA LYS A 26 1.87 34.63 -42.90
C LYS A 26 3.11 35.42 -42.45
N ASP A 27 3.71 35.03 -41.31
CA ASP A 27 4.84 35.73 -40.71
C ASP A 27 6.19 35.03 -40.93
N GLY A 28 6.28 34.14 -41.90
CA GLY A 28 7.54 33.41 -42.16
C GLY A 28 7.86 32.21 -41.25
N LYS A 29 6.98 31.92 -40.29
CA LYS A 29 7.18 30.90 -39.25
C LYS A 29 6.38 29.63 -39.50
N TYR A 30 6.70 28.56 -38.76
CA TYR A 30 6.02 27.24 -38.85
C TYR A 30 5.02 27.08 -37.71
N ASP A 31 3.78 26.71 -38.02
CA ASP A 31 2.73 26.55 -36.99
C ASP A 31 2.96 25.24 -36.23
N LEU A 32 2.70 25.24 -34.93
CA LEU A 32 2.82 24.05 -34.10
C LEU A 32 1.55 23.85 -33.29
N ILE A 33 1.11 22.60 -33.20
CA ILE A 33 -0.05 22.25 -32.42
C ILE A 33 0.14 20.92 -31.72
N ALA A 34 -0.20 20.86 -30.44
CA ALA A 34 -0.21 19.61 -29.71
C ALA A 34 -1.28 19.60 -28.64
N THR A 35 -1.96 18.48 -28.47
CA THR A 35 -2.87 18.32 -27.36
C THR A 35 -2.23 17.62 -26.19
N VAL A 36 -2.52 18.12 -25.00
CA VAL A 36 -1.89 17.67 -23.78
C VAL A 36 -2.99 17.74 -22.74
N ASP A 37 -3.31 16.60 -22.14
CA ASP A 37 -4.52 16.47 -21.34
C ASP A 37 -5.72 17.30 -21.79
N LYS A 38 -6.30 16.91 -22.90
CA LYS A 38 -7.49 17.56 -23.41
C LYS A 38 -7.28 18.99 -23.85
N LEU A 39 -6.16 19.59 -23.44
CA LEU A 39 -5.85 20.95 -23.83
C LEU A 39 -5.03 21.04 -25.10
N GLU A 40 -5.54 21.79 -26.08
CA GLU A 40 -4.82 22.11 -27.30
C GLU A 40 -3.86 23.29 -27.13
N LEU A 41 -2.57 23.02 -27.14
CA LEU A 41 -1.57 24.08 -27.08
C LEU A 41 -1.13 24.47 -28.48
N LYS A 42 -0.87 25.75 -28.68
CA LYS A 42 -0.52 26.25 -30.02
C LYS A 42 0.71 27.18 -29.98
N GLY A 43 1.46 27.21 -31.07
CA GLY A 43 2.67 28.03 -31.13
C GLY A 43 3.21 28.13 -32.55
N THR A 44 4.29 28.87 -32.70
CA THR A 44 5.02 28.92 -33.93
C THR A 44 6.54 28.87 -33.65
N SER A 45 7.30 28.39 -34.61
CA SER A 45 8.76 28.32 -34.52
C SER A 45 9.36 28.73 -35.86
N ASP A 46 10.51 29.39 -35.78
CA ASP A 46 11.35 29.61 -36.96
C ASP A 46 11.95 28.30 -37.51
N LYS A 47 11.86 27.22 -36.74
CA LYS A 47 12.24 25.84 -37.16
C LYS A 47 11.05 24.91 -37.44
N ASN A 48 11.32 23.84 -38.19
CA ASN A 48 10.32 22.85 -38.53
C ASN A 48 10.58 21.41 -38.03
N ASN A 49 11.52 21.21 -37.10
CA ASN A 49 11.71 19.83 -36.57
C ASN A 49 10.70 19.44 -35.46
N GLY A 50 9.88 20.39 -35.06
CA GLY A 50 8.87 20.20 -33.99
C GLY A 50 9.25 20.79 -32.64
N SER A 51 10.32 21.59 -32.60
CA SER A 51 10.83 22.10 -31.34
C SER A 51 10.28 23.47 -31.23
N GLY A 52 10.25 24.04 -30.03
CA GLY A 52 9.63 25.35 -29.83
C GLY A 52 8.74 25.41 -28.62
N VAL A 53 8.03 26.52 -28.47
CA VAL A 53 7.00 26.62 -27.42
C VAL A 53 5.55 26.69 -27.93
N LEU A 54 4.67 26.05 -27.18
CA LEU A 54 3.26 26.05 -27.44
C LEU A 54 2.58 26.45 -26.17
N GLU A 55 1.53 27.24 -26.33
CA GLU A 55 0.81 27.73 -25.19
C GLU A 55 -0.65 27.53 -25.30
N GLY A 56 -1.31 27.54 -24.14
CA GLY A 56 -2.74 27.36 -24.01
C GLY A 56 -3.27 27.98 -22.73
N VAL A 57 -4.61 28.03 -22.65
CA VAL A 57 -5.32 28.43 -21.45
C VAL A 57 -6.40 27.41 -21.13
N LYS A 58 -6.38 26.84 -19.94
CA LYS A 58 -7.50 25.97 -19.51
C LYS A 58 -8.80 26.77 -19.30
N ALA A 59 -9.90 26.05 -19.06
CA ALA A 59 -11.22 26.69 -18.84
C ALA A 59 -11.26 27.62 -17.58
N ASP A 60 -10.57 27.20 -16.50
CA ASP A 60 -10.38 27.97 -15.26
C ASP A 60 -9.26 29.02 -15.31
N LYS A 61 -8.68 29.27 -16.50
CA LYS A 61 -7.86 30.47 -16.80
C LYS A 61 -6.34 30.32 -16.55
N SER A 62 -5.94 29.17 -16.00
CA SER A 62 -4.55 28.82 -15.84
C SER A 62 -3.91 28.77 -17.22
N LYS A 63 -2.63 29.14 -17.27
CA LYS A 63 -1.85 29.13 -18.51
C LYS A 63 -0.90 27.94 -18.54
N VAL A 64 -0.86 27.31 -19.71
CA VAL A 64 -0.04 26.16 -19.94
C VAL A 64 0.97 26.55 -21.03
N LYS A 65 2.24 26.23 -20.78
CA LYS A 65 3.32 26.46 -21.75
C LYS A 65 4.14 25.17 -21.88
N LEU A 66 4.24 24.66 -23.09
CA LEU A 66 5.14 23.50 -23.41
C LEU A 66 6.33 23.99 -24.14
N THR A 67 7.53 23.70 -23.65
CA THR A 67 8.80 24.03 -24.35
C THR A 67 9.44 22.73 -24.75
N ILE A 68 9.77 22.60 -26.02
CA ILE A 68 10.37 21.42 -26.58
C ILE A 68 11.76 21.83 -27.03
N SER A 69 12.79 21.19 -26.45
CA SER A 69 14.19 21.49 -26.76
C SER A 69 14.53 21.28 -28.23
N ASP A 70 15.52 22.03 -28.72
CA ASP A 70 15.90 22.08 -30.15
C ASP A 70 16.23 20.73 -30.74
N ASP A 71 16.69 19.82 -29.88
CA ASP A 71 17.12 18.50 -30.25
C ASP A 71 16.05 17.46 -30.01
N LEU A 72 14.91 17.92 -29.47
CA LEU A 72 13.75 17.11 -29.17
C LEU A 72 14.01 16.02 -28.14
N GLY A 73 15.07 16.11 -27.38
CA GLY A 73 15.34 15.11 -26.36
C GLY A 73 14.84 15.46 -24.99
N GLN A 74 14.21 16.62 -24.85
CA GLN A 74 13.59 17.05 -23.58
C GLN A 74 12.36 17.99 -23.79
N THR A 75 11.39 17.90 -22.87
CA THR A 75 10.18 18.76 -22.86
C THR A 75 9.96 19.32 -21.46
N THR A 76 9.55 20.58 -21.39
CA THR A 76 9.15 21.20 -20.12
C THR A 76 7.73 21.67 -20.20
N LEU A 77 6.86 21.09 -19.39
CA LEU A 77 5.47 21.58 -19.31
C LEU A 77 5.26 22.35 -18.02
N GLU A 78 4.84 23.60 -18.16
CA GLU A 78 4.67 24.52 -17.04
C GLU A 78 3.25 24.99 -16.98
N VAL A 79 2.66 24.92 -15.81
CA VAL A 79 1.33 25.44 -15.58
C VAL A 79 1.52 26.66 -14.70
N PHE A 80 0.98 27.80 -15.16
CA PHE A 80 0.94 29.02 -14.41
C PHE A 80 -0.51 29.37 -14.05
N LYS A 81 -0.69 30.19 -13.03
CA LYS A 81 -1.99 30.79 -12.73
C LYS A 81 -2.33 31.78 -13.85
N GLU A 82 -3.53 32.34 -13.76
CA GLU A 82 -4.09 33.32 -14.71
C GLU A 82 -3.15 34.48 -15.06
N ASP A 83 -2.34 34.94 -14.11
CA ASP A 83 -1.36 36.02 -14.36
C ASP A 83 -0.25 35.61 -15.32
N GLY A 84 -0.07 34.32 -15.50
CA GLY A 84 0.94 33.80 -16.41
C GLY A 84 2.34 33.85 -15.84
N LYS A 85 2.46 34.17 -14.54
CA LYS A 85 3.73 34.47 -13.90
C LYS A 85 3.97 33.58 -12.68
N THR A 86 2.93 33.36 -11.90
CA THR A 86 2.99 32.43 -10.76
C THR A 86 2.91 30.95 -11.19
N LEU A 87 4.04 30.24 -11.05
CA LEU A 87 4.15 28.82 -11.40
C LEU A 87 3.33 27.97 -10.47
N VAL A 88 2.57 27.03 -11.01
CA VAL A 88 1.82 26.09 -10.19
C VAL A 88 2.54 24.72 -10.21
N SER A 89 2.87 24.27 -11.40
CA SER A 89 3.57 23.02 -11.57
C SER A 89 4.58 23.10 -12.73
N LYS A 90 5.59 22.22 -12.68
CA LYS A 90 6.56 22.07 -13.76
C LYS A 90 7.00 20.64 -13.87
N LYS A 91 6.80 20.06 -15.05
CA LYS A 91 7.23 18.73 -15.32
C LYS A 91 8.26 18.79 -16.46
N VAL A 92 9.47 18.26 -16.22
CA VAL A 92 10.55 18.09 -17.20
C VAL A 92 10.76 16.59 -17.55
N THR A 93 10.68 16.26 -18.82
CA THR A 93 10.76 14.91 -19.28
C THR A 93 11.91 14.70 -20.32
N SER A 94 12.58 13.57 -20.25
CA SER A 94 13.67 13.23 -21.19
C SER A 94 13.26 12.07 -22.05
N LYS A 95 13.85 11.92 -23.21
CA LYS A 95 13.47 10.83 -24.09
C LYS A 95 13.77 9.40 -23.59
N ASP A 96 14.63 9.25 -22.58
CA ASP A 96 14.88 7.96 -21.94
C ASP A 96 13.77 7.61 -20.95
N LYS A 97 12.83 8.54 -20.78
CA LYS A 97 11.60 8.39 -20.00
C LYS A 97 11.73 8.80 -18.55
N SER A 98 12.91 9.19 -18.11
CA SER A 98 12.97 9.75 -16.76
C SER A 98 12.31 11.14 -16.68
N SER A 99 12.12 11.64 -15.48
CA SER A 99 11.36 12.85 -15.31
C SER A 99 11.40 13.49 -13.93
N THR A 100 10.97 14.75 -13.89
CA THR A 100 10.95 15.57 -12.70
C THR A 100 9.63 16.32 -12.67
N GLU A 101 8.91 16.28 -11.56
CA GLU A 101 7.69 17.11 -11.43
C GLU A 101 7.81 17.95 -10.21
N GLU A 102 7.62 19.24 -10.33
CA GLU A 102 7.47 20.05 -9.15
C GLU A 102 6.11 20.70 -9.11
N LYS A 103 5.57 20.84 -7.90
CA LYS A 103 4.39 21.64 -7.65
C LYS A 103 4.74 22.70 -6.63
N PHE A 104 4.09 23.85 -6.76
CA PHE A 104 4.45 25.04 -6.01
C PHE A 104 3.22 25.56 -5.31
N ASN A 105 3.42 26.30 -4.22
CA ASN A 105 2.30 26.93 -3.50
C ASN A 105 2.10 28.40 -3.96
N GLU A 106 1.12 29.08 -3.37
CA GLU A 106 0.74 30.44 -3.80
C GLU A 106 1.93 31.40 -3.66
N LYS A 107 2.71 31.20 -2.61
CA LYS A 107 3.95 31.96 -2.37
C LYS A 107 5.05 31.60 -3.38
N GLY A 108 4.90 30.46 -4.06
CA GLY A 108 5.89 29.99 -5.03
C GLY A 108 7.04 29.20 -4.40
N GLU A 109 6.80 28.57 -3.25
CA GLU A 109 7.78 27.64 -2.73
C GLU A 109 7.47 26.26 -3.33
N LEU A 110 8.50 25.44 -3.43
CA LEU A 110 8.36 24.03 -3.71
C LEU A 110 7.56 23.35 -2.60
N SER A 111 6.41 22.79 -2.96
CA SER A 111 5.61 22.04 -1.99
C SER A 111 5.71 20.53 -2.20
N GLU A 112 5.74 20.10 -3.47
CA GLU A 112 5.83 18.68 -3.88
C GLU A 112 6.91 18.57 -4.94
N LYS A 113 7.68 17.48 -4.90
CA LYS A 113 8.69 17.16 -5.95
C LYS A 113 8.68 15.68 -6.18
N LYS A 114 8.74 15.26 -7.44
CA LYS A 114 8.75 13.84 -7.76
C LYS A 114 9.71 13.54 -8.93
N ILE A 115 10.74 12.74 -8.63
CA ILE A 115 11.66 12.17 -9.63
C ILE A 115 11.17 10.79 -10.08
N THR A 116 11.03 10.59 -11.39
CA THR A 116 10.77 9.28 -11.96
C THR A 116 11.99 8.82 -12.76
N ARG A 117 12.52 7.64 -12.43
CA ARG A 117 13.57 7.00 -13.20
C ARG A 117 13.07 6.35 -14.48
N ALA A 118 14.01 6.09 -15.38
CA ALA A 118 13.76 5.32 -16.62
C ALA A 118 13.13 3.94 -16.41
N ASP A 119 13.30 3.35 -15.23
CA ASP A 119 12.68 2.06 -14.87
C ASP A 119 11.36 2.22 -14.09
N LYS A 120 10.74 3.38 -14.18
CA LYS A 120 9.50 3.72 -13.44
C LYS A 120 9.60 3.76 -11.91
N SER A 121 10.72 3.34 -11.31
CA SER A 121 10.90 3.61 -9.89
C SER A 121 10.85 5.15 -9.71
N SER A 122 10.57 5.57 -8.48
CA SER A 122 10.43 6.98 -8.19
C SER A 122 10.69 7.31 -6.72
N THR A 123 10.93 8.59 -6.50
CA THR A 123 11.07 9.19 -5.18
C THR A 123 10.15 10.39 -5.14
N GLU A 124 9.27 10.42 -4.13
CA GLU A 124 8.36 11.55 -3.95
C GLU A 124 8.65 12.22 -2.65
N GLU A 125 8.59 13.54 -2.61
CA GLU A 125 8.81 14.29 -1.36
C GLU A 125 7.80 15.41 -1.24
N LYS A 126 7.19 15.59 -0.07
CA LYS A 126 6.37 16.78 0.23
C LYS A 126 7.03 17.58 1.31
N PHE A 127 6.93 18.90 1.23
CA PHE A 127 7.54 19.80 2.20
C PHE A 127 6.46 20.54 2.92
N ASN A 128 6.70 20.83 4.20
CA ASN A 128 5.75 21.62 5.00
C ASN A 128 5.87 23.08 4.62
N GLU A 129 5.39 23.98 5.49
CA GLU A 129 5.36 25.40 5.17
C GLU A 129 6.62 26.14 5.64
N LYS A 130 7.48 25.43 6.35
CA LYS A 130 8.82 25.89 6.66
C LYS A 130 9.79 25.44 5.55
N GLY A 131 9.23 24.77 4.53
CA GLY A 131 10.00 24.16 3.46
C GLY A 131 10.78 22.94 3.93
N GLU A 132 10.35 22.35 5.04
CA GLU A 132 10.99 21.12 5.57
C GLU A 132 10.26 19.85 5.13
N LEU A 133 10.96 18.71 5.19
CA LEU A 133 10.42 17.44 4.71
C LEU A 133 9.25 16.91 5.57
N SER A 134 8.13 16.66 4.90
CA SER A 134 6.92 16.23 5.55
C SER A 134 6.74 14.72 5.38
N GLU A 135 6.91 14.27 4.14
CA GLU A 135 6.72 12.89 3.79
C GLU A 135 7.63 12.53 2.62
N LYS A 136 8.14 11.31 2.59
CA LYS A 136 8.97 10.84 1.47
C LYS A 136 8.52 9.44 1.14
N LYS A 137 8.41 9.13 -0.15
CA LYS A 137 8.13 7.80 -0.58
C LYS A 137 9.02 7.38 -1.73
N ILE A 138 9.71 6.27 -1.54
CA ILE A 138 10.46 5.64 -2.61
C ILE A 138 9.70 4.43 -3.07
N THR A 139 9.46 4.34 -4.36
CA THR A 139 8.83 3.19 -4.97
C THR A 139 9.83 2.50 -5.88
N ARG A 140 9.98 1.18 -5.70
CA ARG A 140 11.08 0.45 -6.32
C ARG A 140 10.68 -0.08 -7.69
N ALA A 141 11.66 -0.57 -8.45
CA ALA A 141 11.43 -1.03 -9.81
C ALA A 141 10.26 -2.01 -9.86
N ASP A 142 10.32 -3.04 -9.03
CA ASP A 142 9.24 -4.02 -8.92
C ASP A 142 7.90 -3.33 -8.64
N LYS A 143 7.42 -3.49 -7.42
CA LYS A 143 6.31 -2.67 -6.92
C LYS A 143 6.53 -2.28 -5.46
N SER A 144 7.61 -2.79 -4.87
CA SER A 144 7.96 -2.47 -3.49
C SER A 144 7.96 -0.97 -3.26
N SER A 145 7.84 -0.57 -1.99
CA SER A 145 7.74 0.83 -1.64
C SER A 145 7.97 1.05 -0.14
N THR A 146 8.80 2.02 0.19
CA THR A 146 8.93 2.48 1.56
C THR A 146 8.63 3.97 1.67
N GLU A 147 8.12 4.38 2.84
CA GLU A 147 7.33 5.60 2.94
C GLU A 147 7.32 6.14 4.37
N GLU A 148 7.73 7.39 4.52
CA GLU A 148 7.96 7.96 5.84
C GLU A 148 7.21 9.26 6.03
N LYS A 149 6.77 9.53 7.26
CA LYS A 149 6.15 10.80 7.61
C LYS A 149 6.90 11.38 8.78
N PHE A 150 7.05 12.69 8.79
CA PHE A 150 7.81 13.39 9.83
C PHE A 150 6.89 14.46 10.40
N ASN A 151 7.03 14.74 11.70
CA ASN A 151 6.22 15.78 12.36
C ASN A 151 6.85 17.18 12.24
N GLU A 152 6.27 18.13 12.97
CA GLU A 152 6.71 19.55 12.98
C GLU A 152 7.99 19.76 13.81
N LYS A 153 8.53 18.67 14.33
CA LYS A 153 9.77 18.65 15.09
C LYS A 153 10.84 17.84 14.32
N GLY A 154 10.63 17.63 13.03
CA GLY A 154 11.58 16.89 12.19
C GLY A 154 11.75 15.40 12.46
N GLU A 155 10.94 14.83 13.35
CA GLU A 155 11.08 13.42 13.72
C GLU A 155 10.13 12.50 12.95
N LEU A 156 10.62 11.31 12.63
CA LEU A 156 9.80 10.23 12.07
C LEU A 156 8.56 10.05 12.94
N SER A 157 7.36 10.08 12.35
CA SER A 157 6.16 9.70 13.12
C SER A 157 5.53 8.40 12.62
N GLU A 158 5.70 8.09 11.34
CA GLU A 158 5.22 6.83 10.75
C GLU A 158 6.18 6.29 9.67
N LYS A 159 6.24 4.98 9.50
CA LYS A 159 6.98 4.33 8.41
C LYS A 159 6.21 3.11 7.91
N LYS A 160 6.15 2.90 6.61
CA LYS A 160 5.38 1.81 6.04
C LYS A 160 6.19 1.13 4.96
N ILE A 161 6.48 -0.16 5.15
CA ILE A 161 7.24 -0.94 4.19
C ILE A 161 6.28 -1.85 3.45
N THR A 162 5.79 -1.40 2.30
CA THR A 162 4.99 -2.24 1.43
C THR A 162 5.92 -3.06 0.53
N ARG A 163 5.50 -4.28 0.20
CA ARG A 163 6.29 -5.26 -0.57
C ARG A 163 5.67 -5.59 -1.94
N ALA A 164 6.48 -6.25 -2.78
CA ALA A 164 6.04 -6.70 -4.10
C ALA A 164 4.74 -7.51 -4.02
N ASP A 165 4.63 -8.43 -3.05
CA ASP A 165 3.43 -9.26 -2.91
C ASP A 165 2.24 -8.54 -2.27
N LYS A 166 2.38 -7.24 -2.01
CA LYS A 166 1.28 -6.41 -1.51
C LYS A 166 1.18 -6.51 0.03
N SER A 167 2.11 -7.24 0.65
CA SER A 167 2.24 -7.30 2.12
C SER A 167 2.84 -6.01 2.64
N SER A 168 2.52 -5.60 3.86
CA SER A 168 3.05 -4.37 4.44
C SER A 168 3.16 -4.36 5.95
N THR A 169 4.18 -3.69 6.45
CA THR A 169 4.27 -3.35 7.86
C THR A 169 4.27 -1.84 8.05
N GLU A 170 3.47 -1.37 9.00
CA GLU A 170 3.18 0.03 9.15
C GLU A 170 3.39 0.35 10.64
N GLU A 171 4.37 1.20 10.95
CA GLU A 171 4.67 1.57 12.34
C GLU A 171 4.40 3.05 12.66
N LYS A 172 3.94 3.30 13.88
CA LYS A 172 3.81 4.65 14.40
C LYS A 172 4.74 4.80 15.59
N PHE A 173 5.35 5.97 15.72
CA PHE A 173 6.40 6.17 16.73
C PHE A 173 6.02 7.27 17.73
N ASN A 174 6.43 7.07 18.99
CA ASN A 174 6.23 8.05 20.07
C ASN A 174 7.41 9.04 20.19
N GLU A 175 7.66 9.52 21.41
CA GLU A 175 8.55 10.62 21.71
C GLU A 175 9.98 10.11 21.82
N LYS A 176 10.10 8.90 22.36
CA LYS A 176 11.37 8.20 22.47
C LYS A 176 11.79 7.64 21.11
N GLY A 177 10.88 7.69 20.14
CA GLY A 177 11.13 7.12 18.82
C GLY A 177 11.10 5.61 18.88
N GLU A 178 10.22 5.07 19.72
CA GLU A 178 9.94 3.65 19.80
C GLU A 178 8.55 3.39 19.17
N VAL A 179 8.31 2.15 18.78
CA VAL A 179 7.07 1.78 18.10
C VAL A 179 5.90 1.68 19.10
N SER A 180 4.91 2.58 19.00
CA SER A 180 3.70 2.52 19.84
C SER A 180 2.48 1.87 19.16
N GLU A 181 2.49 1.78 17.83
CA GLU A 181 1.51 0.99 17.07
C GLU A 181 2.24 0.27 15.95
N LYS A 182 1.79 -0.93 15.61
CA LYS A 182 2.31 -1.62 14.44
C LYS A 182 1.18 -2.36 13.76
N ILE A 183 1.03 -2.19 12.46
CA ILE A 183 0.03 -2.93 11.67
C ILE A 183 0.73 -3.79 10.63
N ILE A 184 0.40 -5.06 10.60
CA ILE A 184 0.98 -6.01 9.67
C ILE A 184 -0.12 -6.51 8.76
N THR A 185 0.02 -6.27 7.45
CA THR A 185 -0.94 -6.73 6.46
C THR A 185 -0.26 -7.84 5.68
N ARG A 186 -1.02 -8.81 5.23
CA ARG A 186 -0.44 -9.93 4.48
C ARG A 186 -0.98 -9.83 3.07
N ALA A 187 -0.31 -10.51 2.14
CA ALA A 187 -0.71 -10.48 0.74
C ALA A 187 -2.23 -10.61 0.61
N ASP A 188 -2.81 -11.55 1.37
CA ASP A 188 -4.25 -11.87 1.30
C ASP A 188 -5.23 -10.80 1.85
N GLY A 189 -4.69 -9.70 2.40
CA GLY A 189 -5.52 -8.59 2.88
C GLY A 189 -5.87 -8.63 4.36
N THR A 190 -5.64 -9.77 4.99
CA THR A 190 -5.85 -9.92 6.43
C THR A 190 -4.76 -9.12 7.20
N ARG A 191 -5.10 -8.68 8.41
CA ARG A 191 -4.19 -7.84 9.21
C ARG A 191 -3.85 -8.40 10.60
N LEU A 192 -2.67 -8.00 11.06
CA LEU A 192 -2.29 -8.12 12.46
C LEU A 192 -2.10 -6.70 13.01
N GLU A 193 -2.85 -6.36 14.05
CA GLU A 193 -2.84 -5.03 14.60
C GLU A 193 -2.41 -5.03 16.05
N TYR A 194 -1.33 -4.31 16.32
CA TYR A 194 -0.75 -4.13 17.64
C TYR A 194 -0.82 -2.64 18.10
N THR A 195 -1.53 -2.40 19.21
CA THR A 195 -1.80 -1.06 19.71
C THR A 195 -1.34 -0.94 21.19
N GLY A 196 -1.03 0.27 21.62
CA GLY A 196 -0.63 0.49 23.01
C GLY A 196 0.63 -0.26 23.40
N ILE A 197 1.57 -0.35 22.47
CA ILE A 197 2.82 -1.06 22.73
C ILE A 197 3.63 -0.20 23.71
N LYS A 198 4.13 -0.87 24.76
CA LYS A 198 4.91 -0.23 25.81
C LYS A 198 6.34 -0.75 25.73
N SER A 199 7.25 -0.06 26.42
CA SER A 199 8.70 -0.40 26.41
C SER A 199 9.06 -1.87 26.75
N ASP A 200 8.34 -2.49 27.69
CA ASP A 200 8.56 -3.94 27.97
C ASP A 200 8.23 -4.84 26.77
N GLY A 201 7.17 -4.51 26.03
CA GLY A 201 6.69 -5.34 24.94
C GLY A 201 5.18 -5.25 24.87
N SER A 202 4.54 -5.63 25.98
CA SER A 202 3.10 -5.45 26.23
C SER A 202 2.33 -4.46 25.34
N GLY A 203 1.22 -4.94 24.78
CA GLY A 203 0.26 -4.11 24.07
C GLY A 203 -0.96 -4.96 23.76
N LYS A 204 -2.03 -4.32 23.28
CA LYS A 204 -3.17 -5.06 22.69
C LYS A 204 -2.80 -5.71 21.36
N ALA A 205 -3.48 -6.82 21.04
CA ALA A 205 -3.31 -7.51 19.77
C ALA A 205 -4.69 -7.74 19.19
N LYS A 206 -4.78 -7.81 17.86
CA LYS A 206 -6.06 -7.96 17.18
C LYS A 206 -5.83 -8.45 15.75
N GLU A 207 -6.21 -9.68 15.48
CA GLU A 207 -6.10 -10.19 14.11
C GLU A 207 -7.42 -9.99 13.34
N VAL A 208 -7.38 -9.26 12.23
CA VAL A 208 -8.58 -8.95 11.47
C VAL A 208 -8.70 -9.88 10.28
N LEU A 209 -9.72 -10.74 10.31
CA LEU A 209 -9.90 -11.74 9.27
C LEU A 209 -11.16 -11.44 8.46
N LYS A 210 -11.37 -12.23 7.42
CA LYS A 210 -12.58 -12.11 6.59
C LYS A 210 -13.83 -12.56 7.39
N GLY A 211 -14.62 -11.57 7.84
CA GLY A 211 -15.87 -11.82 8.55
C GLY A 211 -15.80 -11.77 10.07
N TYR A 212 -14.59 -11.71 10.64
CA TYR A 212 -14.45 -11.70 12.08
C TYR A 212 -13.06 -11.26 12.52
N VAL A 213 -12.97 -10.86 13.79
CA VAL A 213 -11.72 -10.42 14.38
C VAL A 213 -11.42 -11.28 15.61
N LEU A 214 -10.15 -11.61 15.81
CA LEU A 214 -9.69 -12.33 17.00
C LEU A 214 -8.91 -11.34 17.84
N GLU A 215 -9.12 -11.32 19.15
CA GLU A 215 -8.47 -10.36 20.04
C GLU A 215 -7.60 -11.03 21.08
N GLY A 216 -6.67 -10.28 21.65
CA GLY A 216 -5.69 -10.86 22.55
C GLY A 216 -4.63 -9.86 22.95
N THR A 217 -3.42 -10.36 23.24
CA THR A 217 -2.36 -9.57 23.87
C THR A 217 -1.00 -9.79 23.19
N LEU A 218 -0.18 -8.77 23.19
CA LEU A 218 1.19 -8.91 22.77
C LEU A 218 2.02 -8.83 24.04
N THR A 219 2.91 -9.78 24.24
CA THR A 219 3.90 -9.65 25.27
C THR A 219 5.25 -9.77 24.56
N ALA A 220 6.33 -9.51 25.29
CA ALA A 220 7.64 -9.67 24.67
C ALA A 220 7.89 -11.15 24.33
N GLU A 221 7.13 -12.06 24.96
CA GLU A 221 7.26 -13.47 24.63
C GLU A 221 6.63 -13.75 23.27
N LYS A 222 5.32 -13.50 23.13
CA LYS A 222 4.69 -13.57 21.81
C LYS A 222 3.28 -12.94 21.77
N THR A 223 2.53 -13.27 20.72
CA THR A 223 1.15 -12.82 20.55
C THR A 223 0.20 -13.97 20.84
N THR A 224 -0.83 -13.68 21.63
CA THR A 224 -1.84 -14.64 22.01
C THR A 224 -3.25 -14.10 21.74
N LEU A 225 -3.95 -14.75 20.83
CA LEU A 225 -5.33 -14.40 20.53
C LEU A 225 -6.27 -15.46 21.09
N VAL A 226 -7.28 -15.02 21.85
CA VAL A 226 -8.08 -15.92 22.66
C VAL A 226 -9.52 -15.94 22.13
N VAL A 227 -10.11 -17.15 22.07
CA VAL A 227 -11.55 -17.35 21.91
C VAL A 227 -12.10 -18.27 23.04
N LYS A 228 -13.12 -17.77 23.75
CA LYS A 228 -13.70 -18.44 24.92
C LYS A 228 -15.13 -18.85 24.63
N GLU A 229 -15.48 -20.08 25.00
CA GLU A 229 -16.88 -20.55 24.97
C GLU A 229 -17.15 -21.39 26.20
N GLY A 230 -17.81 -20.81 27.19
CA GLY A 230 -18.06 -21.51 28.47
C GLY A 230 -16.77 -21.94 29.14
N THR A 231 -16.63 -23.24 29.40
CA THR A 231 -15.42 -23.79 30.02
C THR A 231 -14.19 -23.81 29.10
N VAL A 232 -14.39 -23.71 27.78
CA VAL A 232 -13.30 -23.85 26.81
C VAL A 232 -12.64 -22.52 26.46
N THR A 233 -11.32 -22.58 26.26
CA THR A 233 -10.50 -21.45 25.80
C THR A 233 -9.61 -21.93 24.66
N LEU A 234 -9.78 -21.33 23.48
CA LEU A 234 -8.93 -21.59 22.33
C LEU A 234 -7.97 -20.41 22.17
N SER A 235 -6.67 -20.72 22.14
CA SER A 235 -5.61 -19.71 22.09
C SER A 235 -4.75 -19.90 20.84
N LYS A 236 -4.74 -18.89 19.97
CA LYS A 236 -3.89 -18.85 18.77
C LYS A 236 -2.61 -18.00 18.98
N ASN A 237 -1.48 -18.67 19.16
CA ASN A 237 -0.18 -18.03 19.43
C ASN A 237 0.65 -17.74 18.18
N ILE A 238 1.12 -16.50 18.05
CA ILE A 238 2.08 -16.12 17.01
C ILE A 238 3.43 -15.86 17.70
N SER A 239 4.44 -16.65 17.36
CA SER A 239 5.77 -16.53 18.00
C SER A 239 6.60 -15.41 17.38
N LYS A 240 7.72 -15.08 18.02
CA LYS A 240 8.65 -14.06 17.51
C LYS A 240 9.23 -14.41 16.13
N SER A 241 9.22 -15.69 15.75
CA SER A 241 9.55 -16.11 14.38
C SER A 241 8.41 -15.89 13.38
N GLY A 242 7.18 -15.75 13.90
CA GLY A 242 5.98 -15.59 13.07
C GLY A 242 5.19 -16.87 12.83
N GLU A 243 5.59 -17.97 13.48
CA GLU A 243 4.97 -19.30 13.27
C GLU A 243 3.76 -19.45 14.17
N VAL A 244 2.70 -20.07 13.62
CA VAL A 244 1.41 -20.22 14.30
C VAL A 244 1.32 -21.54 15.10
N SER A 245 0.72 -21.44 16.29
CA SER A 245 0.50 -22.59 17.16
C SER A 245 -0.87 -22.42 17.84
N VAL A 246 -1.72 -23.44 17.77
CA VAL A 246 -3.05 -23.34 18.38
C VAL A 246 -3.13 -24.28 19.58
N GLU A 247 -3.91 -23.86 20.57
CA GLU A 247 -3.91 -24.49 21.89
C GLU A 247 -5.33 -24.44 22.52
N LEU A 248 -5.77 -25.56 23.09
CA LEU A 248 -7.12 -25.65 23.67
C LEU A 248 -7.06 -25.99 25.17
N ASN A 249 -7.82 -25.25 25.98
CA ASN A 249 -7.92 -25.49 27.42
C ASN A 249 -9.37 -25.57 27.86
N ASP A 250 -9.75 -26.65 28.55
CA ASP A 250 -11.11 -26.84 29.06
C ASP A 250 -11.05 -26.92 30.57
N THR A 251 -11.71 -25.98 31.26
CA THR A 251 -11.78 -25.97 32.73
C THR A 251 -12.93 -26.88 33.19
N ASP A 252 -13.11 -27.97 32.43
CA ASP A 252 -14.09 -29.01 32.63
C ASP A 252 -13.29 -30.16 33.21
N SER A 253 -13.94 -31.02 33.97
CA SER A 253 -13.27 -32.16 34.62
C SER A 253 -13.97 -33.49 34.35
N SER A 254 -15.25 -33.45 34.00
CA SER A 254 -16.00 -34.63 33.56
C SER A 254 -15.33 -35.23 32.33
N ALA A 255 -15.50 -36.53 32.11
CA ALA A 255 -14.77 -37.24 31.05
C ALA A 255 -15.61 -37.37 29.79
N ALA A 256 -16.85 -37.83 29.96
CA ALA A 256 -17.79 -37.97 28.85
C ALA A 256 -17.91 -36.71 27.99
N THR A 257 -17.50 -35.56 28.53
CA THR A 257 -17.75 -34.22 27.93
C THR A 257 -16.50 -33.35 27.61
N LYS A 258 -15.45 -33.50 28.40
CA LYS A 258 -14.26 -32.64 28.34
C LYS A 258 -13.55 -32.70 26.98
N LYS A 259 -13.15 -31.51 26.49
CA LYS A 259 -12.40 -31.37 25.24
C LYS A 259 -10.90 -31.26 25.50
N THR A 260 -10.15 -31.69 24.49
CA THR A 260 -8.73 -31.90 24.55
C THR A 260 -8.32 -31.80 23.09
N ALA A 261 -7.12 -31.30 22.80
CA ALA A 261 -6.73 -31.11 21.41
C ALA A 261 -5.23 -31.29 21.17
N ALA A 262 -4.90 -31.66 19.94
CA ALA A 262 -3.50 -31.75 19.48
C ALA A 262 -3.28 -30.84 18.26
N TRP A 263 -2.13 -30.17 18.25
CA TRP A 263 -1.72 -29.28 17.18
C TRP A 263 -0.67 -30.00 16.31
N ASN A 264 -0.89 -30.05 15.00
CA ASN A 264 0.11 -30.58 14.06
C ASN A 264 0.62 -29.43 13.23
N SER A 265 1.83 -29.01 13.55
CA SER A 265 2.50 -27.87 12.93
C SER A 265 2.80 -28.07 11.44
N GLY A 266 3.08 -29.30 11.03
CA GLY A 266 3.32 -29.60 9.61
C GLY A 266 2.10 -29.42 8.71
N THR A 267 0.91 -29.60 9.27
CA THR A 267 -0.36 -29.44 8.54
C THR A 267 -1.09 -28.13 8.89
N SER A 268 -0.71 -27.53 10.02
CA SER A 268 -1.40 -26.36 10.61
C SER A 268 -2.87 -26.69 11.01
N THR A 269 -3.02 -27.85 11.66
CA THR A 269 -4.33 -28.43 11.99
C THR A 269 -4.46 -28.77 13.49
N LEU A 270 -5.51 -28.21 14.12
CA LEU A 270 -5.91 -28.60 15.47
C LEU A 270 -7.05 -29.65 15.45
N THR A 271 -6.74 -30.84 15.96
CA THR A 271 -7.67 -31.95 16.09
C THR A 271 -8.17 -31.96 17.53
N ILE A 272 -9.50 -32.01 17.71
CA ILE A 272 -10.11 -32.06 19.02
C ILE A 272 -10.66 -33.45 19.28
N THR A 273 -10.35 -33.97 20.46
CA THR A 273 -10.83 -35.26 20.92
C THR A 273 -11.84 -35.01 22.01
N VAL A 274 -12.91 -35.79 22.00
CA VAL A 274 -13.81 -35.90 23.14
C VAL A 274 -13.96 -37.39 23.47
N ASN A 275 -13.79 -37.74 24.75
CA ASN A 275 -13.96 -39.12 25.20
C ASN A 275 -13.15 -40.17 24.38
N SER A 276 -11.85 -39.89 24.22
CA SER A 276 -10.90 -40.74 23.48
C SER A 276 -11.14 -40.90 21.96
N LYS A 277 -12.17 -40.23 21.41
CA LYS A 277 -12.44 -40.25 19.97
C LYS A 277 -12.25 -38.86 19.34
N LYS A 278 -11.51 -38.80 18.23
CA LYS A 278 -11.35 -37.57 17.44
C LYS A 278 -12.72 -37.09 16.90
N THR A 279 -13.08 -35.84 17.15
CA THR A 279 -14.42 -35.30 16.80
C THR A 279 -14.40 -34.42 15.53
N LYS A 280 -13.44 -33.50 15.46
CA LYS A 280 -13.26 -32.67 14.26
C LYS A 280 -11.84 -32.15 14.13
N ASP A 281 -11.54 -31.67 12.92
CA ASP A 281 -10.30 -30.96 12.61
C ASP A 281 -10.56 -29.47 12.37
N LEU A 282 -9.75 -28.62 13.00
CA LEU A 282 -9.73 -27.19 12.70
C LEU A 282 -8.48 -26.87 11.92
N VAL A 283 -8.65 -26.50 10.66
CA VAL A 283 -7.53 -26.14 9.81
C VAL A 283 -7.45 -24.62 9.82
N PHE A 284 -6.23 -24.09 9.94
CA PHE A 284 -5.90 -22.65 9.87
C PHE A 284 -5.06 -22.51 8.64
N THR A 285 -5.61 -21.89 7.62
CA THR A 285 -5.07 -22.02 6.28
C THR A 285 -4.01 -20.97 5.93
N LYS A 286 -3.29 -21.23 4.85
CA LYS A 286 -2.29 -20.32 4.33
C LYS A 286 -2.98 -19.04 3.82
N GLU A 287 -4.27 -19.14 3.49
CA GLU A 287 -5.07 -17.95 3.21
C GLU A 287 -5.64 -17.33 4.50
N ASN A 288 -5.06 -17.71 5.63
CA ASN A 288 -5.44 -17.22 6.97
C ASN A 288 -6.98 -17.20 7.22
N THR A 289 -7.62 -18.29 6.80
CA THR A 289 -8.99 -18.61 7.18
C THR A 289 -8.90 -19.83 8.10
N ILE A 290 -9.96 -20.10 8.87
CA ILE A 290 -10.09 -21.33 9.64
C ILE A 290 -11.17 -22.21 8.99
N THR A 291 -10.95 -23.52 8.88
CA THR A 291 -12.01 -24.45 8.38
C THR A 291 -12.24 -25.59 9.40
N VAL A 292 -13.47 -26.15 9.42
CA VAL A 292 -13.84 -27.28 10.31
C VAL A 292 -14.28 -28.49 9.46
N GLN A 293 -13.91 -29.70 9.90
CA GLN A 293 -14.42 -30.92 9.27
C GLN A 293 -14.53 -32.05 10.30
N GLN A 294 -15.61 -32.82 10.19
CA GLN A 294 -15.96 -33.85 11.14
C GLN A 294 -15.28 -35.18 10.81
N TYR A 295 -15.16 -36.02 11.83
CA TYR A 295 -14.68 -37.38 11.69
C TYR A 295 -15.84 -38.36 11.54
N ASP A 296 -15.52 -39.63 11.29
CA ASP A 296 -16.51 -40.71 11.25
C ASP A 296 -16.85 -41.12 12.69
N SER A 297 -17.61 -42.21 12.82
CA SER A 297 -17.98 -42.74 14.13
C SER A 297 -16.75 -43.05 14.97
N ASN A 298 -15.92 -43.96 14.46
CA ASN A 298 -14.72 -44.40 15.18
C ASN A 298 -13.81 -43.23 15.58
N GLY A 299 -13.64 -42.27 14.67
CA GLY A 299 -12.65 -41.18 14.86
C GLY A 299 -11.37 -41.44 14.10
N THR A 300 -11.43 -42.35 13.13
CA THR A 300 -10.28 -42.72 12.33
C THR A 300 -10.09 -41.72 11.22
N LYS A 301 -11.16 -41.50 10.43
CA LYS A 301 -11.09 -40.66 9.23
C LYS A 301 -12.00 -39.41 9.23
N LEU A 302 -11.63 -38.43 8.42
CA LEU A 302 -12.45 -37.24 8.21
C LEU A 302 -13.50 -37.55 7.17
N GLU A 303 -14.66 -36.91 7.25
CA GLU A 303 -15.65 -37.06 6.17
C GLU A 303 -16.29 -35.76 5.67
N GLY A 304 -17.02 -35.89 4.57
CA GLY A 304 -17.67 -34.77 3.93
C GLY A 304 -16.62 -33.85 3.34
N SER A 305 -16.76 -32.57 3.65
CA SER A 305 -15.94 -31.50 3.10
C SER A 305 -15.65 -30.52 4.21
N ALA A 306 -14.46 -29.93 4.24
CA ALA A 306 -14.19 -28.88 5.22
C ALA A 306 -15.13 -27.68 4.98
N VAL A 307 -15.51 -27.00 6.05
CA VAL A 307 -16.39 -25.80 5.91
C VAL A 307 -15.67 -24.57 6.49
N GLU A 308 -15.55 -23.52 5.68
CA GLU A 308 -14.89 -22.29 6.12
C GLU A 308 -15.71 -21.61 7.26
N ILE A 309 -15.01 -21.18 8.29
CA ILE A 309 -15.59 -20.38 9.36
C ILE A 309 -15.73 -18.95 8.81
N THR A 310 -16.92 -18.37 8.82
CA THR A 310 -17.10 -16.97 8.37
C THR A 310 -17.37 -15.97 9.49
N LYS A 311 -17.82 -16.45 10.65
CA LYS A 311 -18.09 -15.58 11.77
C LYS A 311 -17.48 -16.17 13.03
N LEU A 312 -17.22 -15.32 14.00
CA LEU A 312 -16.64 -15.71 15.29
C LEU A 312 -17.56 -16.67 16.06
N ASP A 313 -18.83 -16.37 16.01
CA ASP A 313 -19.83 -17.13 16.73
C ASP A 313 -19.81 -18.61 16.25
N GLU A 314 -19.32 -18.83 15.04
CA GLU A 314 -19.09 -20.18 14.53
C GLU A 314 -17.86 -20.90 15.09
N ILE A 315 -16.83 -20.17 15.52
CA ILE A 315 -15.70 -20.79 16.18
C ILE A 315 -16.17 -21.27 17.55
N LYS A 316 -16.93 -20.42 18.25
CA LYS A 316 -17.47 -20.75 19.58
C LYS A 316 -18.35 -22.01 19.58
N ASN A 317 -19.18 -22.17 18.56
CA ASN A 317 -20.07 -23.34 18.44
C ASN A 317 -19.29 -24.64 18.17
N ALA A 318 -18.18 -24.52 17.45
CA ALA A 318 -17.22 -25.62 17.28
C ALA A 318 -16.60 -26.05 18.60
N LEU A 319 -16.48 -25.13 19.57
CA LEU A 319 -15.88 -25.42 20.89
C LEU A 319 -16.89 -25.90 21.95
N LYS A 320 -18.18 -25.96 21.61
CA LYS A 320 -19.19 -26.48 22.56
C LYS A 320 -19.02 -28.00 22.75
#